data_4OTE
#
_entry.id   4OTE
#
_cell.length_a   120.508
_cell.length_b   120.508
_cell.length_c   120.508
_cell.angle_alpha   90.000
_cell.angle_beta   90.000
_cell.angle_gamma   90.000
#
_symmetry.space_group_name_H-M   'P 21 3'
#
loop_
_entity.id
_entity.type
_entity.pdbx_description
1 polymer Lipoprotein
2 non-polymer SELENOMETHIONINE
3 non-polymer 'ZINC ION'
4 non-polymer 'CHLORIDE ION'
5 non-polymer 'ACETATE ION'
6 non-polymer GLYCEROL
7 water water
#
_entity_poly.entity_id   1
_entity_poly.type   'polypeptide(L)'
_entity_poly.pdbx_seq_one_letter_code
;GKDDKKIVVGATLVPGGELLEELKPLIKEKGYTLEVKNFDDYILPNEALNNGEIDANLFQHEPYLKEAVKAKGYKI
(MSE)AGKKLYVCPAILYSYKIKSVDEFKKGDTIAISNNPSSCSKNLRYLESIGLLTLPKGDGLVSPKDIIENPKGIQFK
ELDIAQIPSSLPDVTAAFIDTTYAVPAGLDAKKNGIYTAPINDEYANLLAFRTEDKDSEKIKVLQDVLTSDKARSLIEEK
YKGIVIPTF
;
_entity_poly.pdbx_strand_id   A,B
#
loop_
_chem_comp.id
_chem_comp.type
_chem_comp.name
_chem_comp.formula
ACT non-polymer 'ACETATE ION' 'C2 H3 O2 -1'
CL non-polymer 'CHLORIDE ION' 'Cl -1'
GOL non-polymer GLYCEROL 'C3 H8 O3'
ZN non-polymer 'ZINC ION' 'Zn 2'
#
# COMPACT_ATOMS: atom_id res chain seq x y z
N ASP A 4 -15.41 12.83 6.64
CA ASP A 4 -16.34 14.00 6.48
C ASP A 4 -15.53 15.31 6.40
N LYS A 5 -14.87 15.66 7.50
CA LYS A 5 -13.93 16.78 7.52
C LYS A 5 -12.49 16.26 7.59
N LYS A 6 -12.31 14.98 7.31
CA LYS A 6 -10.99 14.36 7.33
C LYS A 6 -10.49 14.21 5.90
N ILE A 7 -9.24 14.59 5.68
CA ILE A 7 -8.59 14.39 4.38
C ILE A 7 -7.45 13.42 4.61
N VAL A 8 -7.47 12.30 3.87
CA VAL A 8 -6.43 11.30 3.96
C VAL A 8 -5.58 11.38 2.68
N VAL A 9 -4.31 11.72 2.84
CA VAL A 9 -3.40 11.83 1.70
C VAL A 9 -2.27 10.81 1.84
N GLY A 10 -2.06 10.03 0.79
CA GLY A 10 -0.93 9.10 0.72
C GLY A 10 0.31 9.79 0.17
N ALA A 11 1.47 9.56 0.79
CA ALA A 11 2.69 10.21 0.33
C ALA A 11 3.95 9.48 0.74
N THR A 12 4.98 9.58 -0.10
CA THR A 12 6.32 9.23 0.31
C THR A 12 6.81 10.30 1.28
N LEU A 13 7.63 9.92 2.25
CA LEU A 13 8.05 10.87 3.29
C LEU A 13 8.68 12.12 2.70
N VAL A 14 9.63 11.93 1.80
CA VAL A 14 10.40 13.05 1.24
C VAL A 14 10.06 13.24 -0.24
N PRO A 15 9.64 14.47 -0.63
CA PRO A 15 9.39 15.65 0.19
C PRO A 15 7.92 15.84 0.61
N GLY A 16 7.01 15.10 -0.03
CA GLY A 16 5.58 15.34 0.11
C GLY A 16 5.00 15.07 1.49
N GLY A 17 5.44 13.98 2.11
CA GLY A 17 4.94 13.59 3.43
C GLY A 17 5.22 14.65 4.49
N GLU A 18 6.48 15.05 4.58
CA GLU A 18 6.91 16.02 5.58
C GLU A 18 6.36 17.42 5.28
N LEU A 19 6.20 17.76 4.00
CA LEU A 19 5.54 19.01 3.61
C LEU A 19 4.08 19.03 4.09
N LEU A 20 3.35 17.96 3.79
CA LEU A 20 1.96 17.84 4.26
C LEU A 20 1.86 17.94 5.79
N GLU A 21 2.78 17.27 6.50
CA GLU A 21 2.76 17.28 7.97
C GLU A 21 2.90 18.70 8.51
N GLU A 22 3.81 19.48 7.91
CA GLU A 22 4.02 20.86 8.35
C GLU A 22 2.90 21.80 7.90
N LEU A 23 2.05 21.36 6.98
CA LEU A 23 0.89 22.13 6.52
C LEU A 23 -0.42 21.78 7.26
N LYS A 24 -0.36 20.83 8.19
CA LYS A 24 -1.53 20.43 9.00
C LYS A 24 -2.27 21.60 9.63
N PRO A 25 -1.54 22.47 10.36
CA PRO A 25 -2.20 23.59 11.01
C PRO A 25 -2.95 24.50 10.04
N LEU A 26 -2.37 24.68 8.84
CA LEU A 26 -3.00 25.50 7.81
C LEU A 26 -4.25 24.83 7.28
N ILE A 27 -4.21 23.50 7.16
CA ILE A 27 -5.37 22.73 6.71
C ILE A 27 -6.46 22.79 7.78
N LYS A 28 -6.05 22.77 9.05
CA LYS A 28 -6.98 22.91 10.16
C LYS A 28 -7.67 24.28 10.17
N GLU A 29 -6.95 25.30 9.71
CA GLU A 29 -7.52 26.64 9.55
C GLU A 29 -8.63 26.69 8.49
N LYS A 30 -8.61 25.75 7.56
CA LYS A 30 -9.66 25.63 6.54
C LYS A 30 -10.81 24.73 7.01
N GLY A 31 -10.75 24.29 8.26
CA GLY A 31 -11.81 23.47 8.85
C GLY A 31 -11.71 21.99 8.53
N TYR A 32 -10.51 21.53 8.18
CA TYR A 32 -10.30 20.12 7.84
C TYR A 32 -9.19 19.50 8.68
N THR A 33 -9.31 18.20 8.93
CA THR A 33 -8.26 17.45 9.59
C THR A 33 -7.49 16.67 8.52
N LEU A 34 -6.17 16.66 8.62
CA LEU A 34 -5.34 15.93 7.65
C LEU A 34 -4.73 14.70 8.29
N GLU A 35 -4.81 13.58 7.59
CA GLU A 35 -4.05 12.39 7.94
CA GLU A 35 -4.07 12.38 7.93
C GLU A 35 -3.16 12.01 6.76
N VAL A 36 -1.87 11.86 7.04
CA VAL A 36 -0.91 11.45 6.02
C VAL A 36 -0.64 9.95 6.18
N LYS A 37 -0.88 9.21 5.10
CA LYS A 37 -0.55 7.79 5.05
C LYS A 37 0.78 7.64 4.31
N ASN A 38 1.78 7.08 5.01
CA ASN A 38 3.12 6.95 4.47
C ASN A 38 3.24 5.74 3.53
N PHE A 39 3.83 5.96 2.36
CA PHE A 39 4.18 4.88 1.43
C PHE A 39 5.68 4.91 1.15
N ASP A 40 6.27 3.76 0.86
CA ASP A 40 7.72 3.66 0.65
C ASP A 40 8.09 3.26 -0.78
N ASP A 41 7.09 3.23 -1.66
CA ASP A 41 7.31 2.84 -3.05
C ASP A 41 6.37 3.60 -3.98
N TYR A 42 6.63 3.50 -5.28
CA TYR A 42 5.90 4.26 -6.30
C TYR A 42 4.67 3.54 -6.87
N ILE A 43 4.39 2.32 -6.42
CA ILE A 43 3.28 1.54 -6.98
C ILE A 43 2.02 1.65 -6.14
N LEU A 44 2.13 1.41 -4.85
CA LEU A 44 0.96 1.30 -3.98
C LEU A 44 0.14 2.58 -3.80
N PRO A 45 0.78 3.77 -3.83
CA PRO A 45 -0.03 4.98 -3.59
C PRO A 45 -1.16 5.19 -4.60
N ASN A 46 -0.92 4.86 -5.86
CA ASN A 46 -1.94 4.97 -6.91
C ASN A 46 -3.04 3.93 -6.76
N GLU A 47 -2.66 2.69 -6.41
CA GLU A 47 -3.63 1.64 -6.10
C GLU A 47 -4.58 2.15 -5.03
N ALA A 48 -4.02 2.57 -3.91
CA ALA A 48 -4.80 3.08 -2.79
C ALA A 48 -5.73 4.21 -3.22
N LEU A 49 -5.21 5.11 -4.05
CA LEU A 49 -6.01 6.23 -4.56
C LEU A 49 -7.19 5.73 -5.40
N ASN A 50 -6.93 4.79 -6.29
CA ASN A 50 -7.97 4.28 -7.18
C ASN A 50 -8.97 3.41 -6.43
N ASN A 51 -8.49 2.67 -5.42
CA ASN A 51 -9.33 1.87 -4.53
C ASN A 51 -10.32 2.70 -3.73
N GLY A 52 -9.94 3.93 -3.40
CA GLY A 52 -10.76 4.80 -2.56
C GLY A 52 -10.29 4.89 -1.12
N GLU A 53 -9.12 4.33 -0.82
CA GLU A 53 -8.60 4.33 0.54
C GLU A 53 -8.11 5.73 0.96
N ILE A 54 -7.59 6.48 0.00
CA ILE A 54 -7.07 7.83 0.25
C ILE A 54 -7.73 8.81 -0.71
N ASP A 55 -7.84 10.07 -0.28
CA ASP A 55 -8.45 11.13 -1.09
C ASP A 55 -7.52 11.61 -2.18
N ALA A 56 -6.22 11.51 -1.95
CA ALA A 56 -5.22 11.99 -2.88
C ALA A 56 -3.85 11.41 -2.54
N ASN A 57 -2.89 11.59 -3.43
CA ASN A 57 -1.50 11.26 -3.10
C ASN A 57 -0.52 12.32 -3.60
N LEU A 58 0.63 12.36 -2.95
CA LEU A 58 1.68 13.32 -3.29
C LEU A 58 3.04 12.63 -3.37
N PHE A 59 3.38 12.15 -4.56
CA PHE A 59 4.66 11.45 -4.78
C PHE A 59 5.18 11.48 -6.22
N GLN A 60 4.30 11.74 -7.19
CA GLN A 60 4.64 11.55 -8.60
C GLN A 60 4.49 12.81 -9.45
N HIS A 61 5.05 12.76 -10.66
CA HIS A 61 4.80 13.77 -11.68
C HIS A 61 3.81 13.22 -12.71
N GLU A 62 3.32 14.09 -13.58
CA GLU A 62 2.24 13.72 -14.50
C GLU A 62 2.62 12.63 -15.50
N PRO A 63 3.86 12.67 -16.03
CA PRO A 63 4.28 11.60 -16.95
C PRO A 63 4.22 10.20 -16.34
N TYR A 64 4.64 10.08 -15.08
CA TYR A 64 4.56 8.80 -14.37
C TYR A 64 3.11 8.38 -14.20
N LEU A 65 2.26 9.32 -13.81
CA LEU A 65 0.84 9.07 -13.65
C LEU A 65 0.21 8.60 -14.97
N LYS A 66 0.49 9.29 -16.06
CA LYS A 66 -0.04 8.92 -17.37
C LYS A 66 0.36 7.50 -17.75
N GLU A 67 1.60 7.13 -17.46
CA GLU A 67 2.07 5.78 -17.69
C GLU A 67 1.36 4.77 -16.78
N ALA A 68 1.10 5.17 -15.53
CA ALA A 68 0.39 4.31 -14.59
C ALA A 68 -1.05 4.09 -15.03
N VAL A 69 -1.69 5.15 -15.53
CA VAL A 69 -3.05 5.07 -16.04
C VAL A 69 -3.10 4.16 -17.27
N LYS A 70 -2.12 4.29 -18.15
CA LYS A 70 -2.03 3.47 -19.36
C LYS A 70 -1.88 1.98 -19.04
N ALA A 71 -1.05 1.66 -18.06
CA ALA A 71 -0.78 0.26 -17.71
C ALA A 71 -1.87 -0.36 -16.84
N LYS A 72 -2.42 0.42 -15.91
CA LYS A 72 -3.34 -0.12 -14.90
C LYS A 72 -4.79 0.26 -15.09
N GLY A 73 -5.05 1.33 -15.85
CA GLY A 73 -6.41 1.82 -16.06
C GLY A 73 -6.98 2.54 -14.86
N TYR A 74 -6.12 3.17 -14.05
CA TYR A 74 -6.59 3.97 -12.92
C TYR A 74 -7.40 5.15 -13.46
N LYS A 75 -8.46 5.51 -12.75
CA LYS A 75 -9.26 6.68 -13.07
C LYS A 75 -8.79 7.86 -12.22
N ILE A 76 -7.52 8.23 -12.42
CA ILE A 76 -6.86 9.27 -11.63
C ILE A 76 -6.29 10.36 -12.52
N MSE A 77 -5.89 11.46 -11.88
CA MSE A 77 -5.62 12.71 -12.57
C MSE A 77 -4.56 13.51 -11.87
O MSE A 77 -4.48 13.49 -10.65
CB MSE A 77 -6.95 13.43 -12.44
CG MSE A 77 -7.24 14.38 -13.57
SE MSE A 77 -8.79 15.42 -12.97
CE MSE A 77 -7.94 17.17 -13.28
N ALA A 78 -3.75 14.25 -12.63
CA ALA A 78 -2.73 15.13 -12.07
C ALA A 78 -3.30 16.53 -11.78
N GLY A 79 -2.94 17.09 -10.63
CA GLY A 79 -3.34 18.44 -10.26
C GLY A 79 -2.34 19.48 -10.73
N LYS A 80 -2.28 20.61 -10.03
CA LYS A 80 -1.31 21.67 -10.34
C LYS A 80 0.12 21.26 -10.04
N LYS A 81 1.07 21.74 -10.85
CA LYS A 81 2.50 21.51 -10.62
C LYS A 81 2.93 22.17 -9.30
N LEU A 82 3.69 21.44 -8.48
CA LEU A 82 4.09 21.95 -7.16
C LEU A 82 5.58 22.22 -7.04
N TYR A 83 6.38 21.20 -7.35
CA TYR A 83 7.83 21.30 -7.23
C TYR A 83 8.52 20.22 -8.06
N VAL A 84 9.74 20.54 -8.50
CA VAL A 84 10.57 19.62 -9.25
CA VAL A 84 10.56 19.60 -9.25
C VAL A 84 11.62 19.03 -8.32
N CYS A 85 11.99 17.77 -8.57
CA CYS A 85 13.00 17.07 -7.81
C CYS A 85 14.02 16.53 -8.82
N PRO A 86 14.91 17.41 -9.32
CA PRO A 86 15.85 16.98 -10.34
C PRO A 86 16.64 15.75 -9.90
N ALA A 87 16.81 14.80 -10.81
CA ALA A 87 17.65 13.63 -10.55
C ALA A 87 19.06 14.09 -10.24
N ILE A 88 19.66 13.48 -9.24
CA ILE A 88 21.02 13.81 -8.84
C ILE A 88 21.89 12.57 -8.97
N LEU A 89 23.08 12.75 -9.56
CA LEU A 89 24.06 11.68 -9.70
C LEU A 89 24.97 11.74 -8.47
N TYR A 90 24.95 10.66 -7.69
CA TYR A 90 25.73 10.58 -6.45
C TYR A 90 26.94 9.68 -6.66
N SER A 91 27.97 9.89 -5.83
CA SER A 91 29.19 9.09 -5.91
C SER A 91 29.97 9.18 -4.60
N TYR A 92 30.50 8.04 -4.16
CA TYR A 92 31.44 7.98 -3.04
C TYR A 92 32.90 7.94 -3.50
N LYS A 93 33.11 7.89 -4.82
CA LYS A 93 34.43 7.61 -5.37
C LYS A 93 35.03 8.74 -6.21
N ILE A 94 34.19 9.58 -6.81
CA ILE A 94 34.65 10.75 -7.57
C ILE A 94 33.84 12.00 -7.22
N LYS A 95 34.42 13.16 -7.46
CA LYS A 95 33.78 14.45 -7.16
C LYS A 95 33.28 15.18 -8.40
N SER A 96 33.76 14.80 -9.57
CA SER A 96 33.35 15.42 -10.83
C SER A 96 33.08 14.35 -11.88
N VAL A 97 32.13 14.63 -12.78
CA VAL A 97 31.87 13.73 -13.92
C VAL A 97 33.07 13.68 -14.87
N ASP A 98 33.95 14.68 -14.79
CA ASP A 98 35.21 14.67 -15.55
C ASP A 98 36.14 13.51 -15.17
N GLU A 99 35.93 12.92 -14.00
CA GLU A 99 36.82 11.87 -13.49
C GLU A 99 36.41 10.44 -13.89
N PHE A 100 35.34 10.30 -14.68
CA PHE A 100 34.96 8.99 -15.20
C PHE A 100 36.06 8.43 -16.12
N LYS A 101 36.29 7.13 -16.04
CA LYS A 101 37.31 6.44 -16.83
C LYS A 101 36.81 5.06 -17.26
N LYS A 102 37.60 4.37 -18.08
CA LYS A 102 37.27 3.02 -18.54
C LYS A 102 36.96 2.08 -17.38
N GLY A 103 35.89 1.30 -17.52
CA GLY A 103 35.52 0.31 -16.52
C GLY A 103 34.52 0.81 -15.47
N ASP A 104 34.40 2.13 -15.32
CA ASP A 104 33.53 2.70 -14.31
C ASP A 104 32.07 2.28 -14.53
N THR A 105 31.34 2.12 -13.42
CA THR A 105 29.97 1.64 -13.45
C THR A 105 29.01 2.70 -12.92
N ILE A 106 27.89 2.90 -13.62
CA ILE A 106 26.82 3.76 -13.15
C ILE A 106 25.57 2.91 -12.87
N ALA A 107 25.05 3.01 -11.65
CA ALA A 107 23.80 2.35 -11.28
C ALA A 107 22.63 3.20 -11.73
N ILE A 108 21.65 2.54 -12.36
CA ILE A 108 20.46 3.20 -12.90
CA ILE A 108 20.45 3.22 -12.86
C ILE A 108 19.21 2.36 -12.60
N SER A 109 18.06 3.03 -12.49
CA SER A 109 16.79 2.35 -12.26
C SER A 109 16.40 1.50 -13.48
N ASN A 110 15.81 0.33 -13.20
CA ASN A 110 15.28 -0.53 -14.25
C ASN A 110 13.93 -0.06 -14.82
N ASN A 111 13.41 1.06 -14.33
CA ASN A 111 12.25 1.73 -14.93
C ASN A 111 12.65 2.29 -16.31
N PRO A 112 11.98 1.80 -17.39
CA PRO A 112 12.37 2.22 -18.74
C PRO A 112 12.43 3.74 -18.96
N SER A 113 11.47 4.47 -18.41
CA SER A 113 11.43 5.92 -18.57
C SER A 113 12.57 6.62 -17.83
N SER A 114 12.79 6.22 -16.58
CA SER A 114 13.89 6.76 -15.77
C SER A 114 15.26 6.44 -16.37
N CYS A 115 15.43 5.18 -16.79
CA CYS A 115 16.64 4.71 -17.45
C CYS A 115 16.93 5.55 -18.69
N SER A 116 15.95 5.63 -19.59
CA SER A 116 16.07 6.42 -20.81
C SER A 116 16.43 7.89 -20.51
N LYS A 117 15.75 8.47 -19.53
CA LYS A 117 15.97 9.85 -19.16
C LYS A 117 17.37 10.07 -18.58
N ASN A 118 17.82 9.13 -17.76
CA ASN A 118 19.17 9.16 -17.20
C ASN A 118 20.26 9.08 -18.26
N LEU A 119 20.06 8.23 -19.27
CA LEU A 119 21.02 8.09 -20.35
C LEU A 119 21.12 9.37 -21.17
N ARG A 120 19.98 10.04 -21.37
CA ARG A 120 19.97 11.32 -22.09
C ARG A 120 20.63 12.45 -21.29
N TYR A 121 20.54 12.39 -19.96
CA TYR A 121 21.29 13.35 -19.14
C TYR A 121 22.79 13.15 -19.36
N LEU A 122 23.23 11.89 -19.34
CA LEU A 122 24.64 11.57 -19.57
C LEU A 122 25.10 11.97 -20.98
N GLU A 123 24.20 11.88 -21.95
CA GLU A 123 24.47 12.37 -23.30
C GLU A 123 24.68 13.88 -23.30
N SER A 124 23.80 14.61 -22.62
CA SER A 124 23.85 16.07 -22.63
C SER A 124 25.11 16.65 -21.98
N ILE A 125 25.80 15.85 -21.16
CA ILE A 125 27.10 16.24 -20.59
C ILE A 125 28.29 15.62 -21.36
N GLY A 126 28.01 15.07 -22.54
CA GLY A 126 29.07 14.59 -23.44
C GLY A 126 29.68 13.25 -23.12
N LEU A 127 29.08 12.50 -22.20
CA LEU A 127 29.63 11.19 -21.80
C LEU A 127 29.34 10.07 -22.78
N LEU A 128 28.29 10.23 -23.60
CA LEU A 128 27.95 9.23 -24.62
C LEU A 128 27.01 9.82 -25.67
N THR A 129 26.73 9.06 -26.73
CA THR A 129 25.81 9.49 -27.77
C THR A 129 24.72 8.45 -28.00
N LEU A 130 23.52 8.92 -28.32
CA LEU A 130 22.35 8.07 -28.52
C LEU A 130 21.72 8.39 -29.88
N PRO A 131 20.84 7.50 -30.38
CA PRO A 131 20.13 7.81 -31.62
C PRO A 131 19.17 8.98 -31.47
N LYS A 132 18.95 9.72 -32.55
CA LYS A 132 18.07 10.90 -32.53
C LYS A 132 16.60 10.52 -32.41
N GLY A 133 15.79 11.45 -31.94
CA GLY A 133 14.36 11.23 -31.74
C GLY A 133 13.95 11.52 -30.31
N ASP A 134 12.77 11.01 -29.92
CA ASP A 134 12.27 11.17 -28.55
C ASP A 134 11.74 9.84 -27.95
N GLY A 135 12.07 8.72 -28.58
CA GLY A 135 11.66 7.40 -28.09
C GLY A 135 12.57 6.94 -26.95
N LEU A 136 12.10 5.95 -26.20
CA LEU A 136 12.86 5.44 -25.05
C LEU A 136 14.16 4.76 -25.50
N VAL A 137 15.25 5.11 -24.82
CA VAL A 137 16.56 4.52 -25.09
C VAL A 137 17.01 3.65 -23.92
N SER A 138 17.85 2.67 -24.22
CA SER A 138 18.43 1.77 -23.23
C SER A 138 19.94 1.68 -23.48
N PRO A 139 20.70 1.08 -22.54
CA PRO A 139 22.15 0.91 -22.73
C PRO A 139 22.54 0.16 -24.02
N LYS A 140 21.63 -0.66 -24.55
CA LYS A 140 21.82 -1.33 -25.83
C LYS A 140 21.92 -0.34 -27.01
N ASP A 141 21.33 0.85 -26.84
CA ASP A 141 21.24 1.84 -27.92
C ASP A 141 22.36 2.87 -27.92
N ILE A 142 23.34 2.71 -27.04
CA ILE A 142 24.46 3.66 -26.96
C ILE A 142 25.33 3.54 -28.21
N ILE A 143 25.45 4.64 -28.95
CA ILE A 143 26.27 4.66 -30.17
C ILE A 143 27.75 4.79 -29.79
N GLU A 144 28.12 5.95 -29.23
CA GLU A 144 29.49 6.16 -28.76
C GLU A 144 29.56 6.18 -27.24
N ASN A 145 30.62 5.58 -26.70
CA ASN A 145 30.82 5.46 -25.26
C ASN A 145 32.32 5.57 -24.95
N PRO A 146 32.90 6.77 -25.15
CA PRO A 146 34.35 6.97 -25.06
C PRO A 146 35.00 6.32 -23.84
N LYS A 147 34.41 6.51 -22.67
CA LYS A 147 35.03 6.08 -21.42
C LYS A 147 34.54 4.71 -20.93
N GLY A 148 34.00 3.91 -21.82
CA GLY A 148 33.60 2.53 -21.51
C GLY A 148 32.81 2.40 -20.22
N ILE A 149 31.75 3.19 -20.10
CA ILE A 149 30.90 3.18 -18.91
C ILE A 149 29.94 1.99 -18.97
N GLN A 150 29.92 1.20 -17.91
CA GLN A 150 29.01 0.07 -17.80
C GLN A 150 27.82 0.50 -16.93
N PHE A 151 26.64 -0.04 -17.23
CA PHE A 151 25.43 0.35 -16.54
C PHE A 151 24.83 -0.82 -15.77
N LYS A 152 24.55 -0.60 -14.49
CA LYS A 152 23.97 -1.61 -13.62
C LYS A 152 22.50 -1.28 -13.38
N GLU A 153 21.61 -2.02 -14.02
CA GLU A 153 20.17 -1.78 -13.92
C GLU A 153 19.60 -2.48 -12.70
N LEU A 154 19.05 -1.69 -11.77
CA LEU A 154 18.57 -2.19 -10.48
C LEU A 154 17.17 -1.71 -10.16
N ASP A 155 16.54 -2.38 -9.20
CA ASP A 155 15.30 -1.89 -8.59
C ASP A 155 15.67 -0.60 -7.86
N ILE A 156 14.82 0.41 -8.01
CA ILE A 156 15.06 1.73 -7.43
C ILE A 156 15.41 1.69 -5.94
N ALA A 157 14.79 0.77 -5.21
CA ALA A 157 15.02 0.65 -3.77
C ALA A 157 16.44 0.18 -3.41
N GLN A 158 17.11 -0.49 -4.36
CA GLN A 158 18.44 -1.03 -4.13
C GLN A 158 19.58 -0.04 -4.39
N ILE A 159 19.28 1.06 -5.09
CA ILE A 159 20.33 1.91 -5.63
C ILE A 159 21.16 2.65 -4.57
N PRO A 160 20.53 3.18 -3.52
CA PRO A 160 21.33 3.83 -2.47
C PRO A 160 22.41 2.93 -1.86
N SER A 161 22.07 1.67 -1.56
CA SER A 161 23.04 0.75 -0.96
C SER A 161 24.09 0.24 -1.96
N SER A 162 23.95 0.57 -3.24
CA SER A 162 24.91 0.16 -4.27
C SER A 162 26.11 1.10 -4.42
N LEU A 163 26.02 2.29 -3.83
CA LEU A 163 27.04 3.33 -4.03
C LEU A 163 28.46 2.93 -3.67
N PRO A 164 28.65 2.12 -2.61
CA PRO A 164 29.99 1.62 -2.32
C PRO A 164 30.56 0.67 -3.39
N ASP A 165 29.69 0.01 -4.15
CA ASP A 165 30.10 -1.01 -5.12
C ASP A 165 30.11 -0.51 -6.57
N VAL A 166 29.70 0.74 -6.80
CA VAL A 166 29.71 1.34 -8.14
C VAL A 166 30.42 2.69 -8.11
N THR A 167 30.68 3.25 -9.29
CA THR A 167 31.38 4.54 -9.38
C THR A 167 30.44 5.69 -9.04
N ALA A 168 29.25 5.67 -9.63
CA ALA A 168 28.22 6.67 -9.37
C ALA A 168 26.82 6.08 -9.56
N ALA A 169 25.79 6.79 -9.08
CA ALA A 169 24.41 6.33 -9.20
C ALA A 169 23.40 7.48 -9.25
N PHE A 170 22.41 7.36 -10.15
CA PHE A 170 21.28 8.27 -10.20
C PHE A 170 20.24 7.85 -9.16
N ILE A 171 19.91 8.75 -8.23
CA ILE A 171 18.96 8.43 -7.15
C ILE A 171 17.94 9.53 -6.94
N ASP A 172 16.65 9.16 -7.00
CA ASP A 172 15.56 10.07 -6.70
C ASP A 172 15.73 10.66 -5.30
N THR A 173 15.42 11.94 -5.16
CA THR A 173 15.52 12.59 -3.86
C THR A 173 14.63 11.89 -2.82
N THR A 174 13.48 11.39 -3.25
CA THR A 174 12.59 10.59 -2.40
C THR A 174 13.32 9.40 -1.74
N TYR A 175 14.29 8.81 -2.43
CA TYR A 175 15.10 7.72 -1.88
C TYR A 175 16.40 8.19 -1.25
N ALA A 176 17.00 9.24 -1.82
CA ALA A 176 18.31 9.72 -1.37
C ALA A 176 18.29 10.26 0.06
N VAL A 177 17.32 11.11 0.36
CA VAL A 177 17.30 11.82 1.64
C VAL A 177 17.11 10.88 2.84
N PRO A 178 16.12 9.97 2.77
CA PRO A 178 15.97 9.02 3.89
C PRO A 178 17.15 8.06 4.04
N ALA A 179 17.87 7.82 2.94
CA ALA A 179 19.09 7.00 2.99
C ALA A 179 20.30 7.74 3.55
N GLY A 180 20.13 9.00 3.91
CA GLY A 180 21.20 9.80 4.50
C GLY A 180 22.21 10.37 3.51
N LEU A 181 21.86 10.38 2.23
CA LEU A 181 22.75 10.93 1.20
C LEU A 181 22.66 12.46 1.19
N ASP A 182 23.82 13.11 1.14
CA ASP A 182 23.91 14.56 1.11
C ASP A 182 24.39 14.99 -0.27
N ALA A 183 23.55 15.73 -0.99
CA ALA A 183 23.85 16.12 -2.36
C ALA A 183 24.99 17.13 -2.43
N LYS A 184 25.07 18.00 -1.43
CA LYS A 184 26.17 18.97 -1.33
C LYS A 184 27.51 18.25 -1.23
N LYS A 185 27.54 17.20 -0.42
CA LYS A 185 28.76 16.43 -0.17
C LYS A 185 29.07 15.46 -1.32
N ASN A 186 28.08 14.69 -1.75
CA ASN A 186 28.30 13.54 -2.64
C ASN A 186 27.65 13.59 -4.02
N GLY A 187 26.95 14.67 -4.33
CA GLY A 187 26.35 14.85 -5.65
C GLY A 187 27.37 15.41 -6.61
N ILE A 188 27.43 14.85 -7.82
CA ILE A 188 28.37 15.33 -8.85
C ILE A 188 27.67 15.91 -10.08
N TYR A 189 26.35 15.78 -10.14
CA TYR A 189 25.59 16.32 -11.25
C TYR A 189 24.12 16.37 -10.85
N THR A 190 23.48 17.50 -11.14
CA THR A 190 22.05 17.67 -10.94
C THR A 190 21.41 17.92 -12.30
N ALA A 191 20.28 17.27 -12.55
CA ALA A 191 19.60 17.39 -13.85
C ALA A 191 18.97 18.77 -14.00
N PRO A 192 18.76 19.21 -15.26
CA PRO A 192 18.19 20.54 -15.46
C PRO A 192 16.76 20.61 -14.90
N ILE A 193 16.34 21.83 -14.55
CA ILE A 193 14.96 22.04 -14.11
C ILE A 193 14.04 21.87 -15.32
N ASN A 194 13.03 21.02 -15.16
CA ASN A 194 12.06 20.76 -16.20
C ASN A 194 10.69 20.54 -15.54
N ASP A 195 9.80 21.51 -15.64
CA ASP A 195 8.52 21.45 -14.92
C ASP A 195 7.55 20.39 -15.45
N GLU A 196 7.90 19.78 -16.59
CA GLU A 196 7.20 18.59 -17.07
C GLU A 196 7.24 17.47 -16.02
N TYR A 197 8.33 17.44 -15.25
CA TYR A 197 8.51 16.45 -14.19
C TYR A 197 8.22 17.00 -12.80
N ALA A 198 7.44 18.08 -12.72
CA ALA A 198 7.04 18.62 -11.44
C ALA A 198 6.14 17.62 -10.71
N ASN A 199 6.50 17.30 -9.46
CA ASN A 199 5.65 16.48 -8.62
C ASN A 199 4.39 17.26 -8.30
N LEU A 200 3.31 16.54 -8.01
CA LEU A 200 2.01 17.17 -7.83
C LEU A 200 1.04 16.26 -7.09
N LEU A 201 -0.04 16.86 -6.63
CA LEU A 201 -1.12 16.10 -6.02
C LEU A 201 -1.86 15.36 -7.12
N ALA A 202 -2.20 14.10 -6.85
CA ALA A 202 -3.01 13.31 -7.76
C ALA A 202 -4.27 12.86 -7.03
N PHE A 203 -5.36 12.73 -7.77
CA PHE A 203 -6.65 12.41 -7.18
C PHE A 203 -7.55 11.76 -8.22
N ARG A 204 -8.62 11.11 -7.76
CA ARG A 204 -9.57 10.49 -8.67
C ARG A 204 -10.25 11.59 -9.49
N THR A 205 -10.41 11.32 -10.78
CA THR A 205 -11.07 12.25 -11.69
C THR A 205 -12.45 12.68 -11.18
N GLU A 206 -13.17 11.76 -10.53
CA GLU A 206 -14.48 12.08 -9.93
C GLU A 206 -14.43 13.23 -8.92
N ASP A 207 -13.31 13.38 -8.22
CA ASP A 207 -13.17 14.39 -7.16
C ASP A 207 -12.46 15.67 -7.61
N LYS A 208 -12.42 15.89 -8.92
CA LYS A 208 -11.73 17.04 -9.53
C LYS A 208 -12.15 18.38 -8.93
N ASP A 209 -13.46 18.57 -8.73
CA ASP A 209 -14.00 19.83 -8.24
C ASP A 209 -14.42 19.79 -6.76
N SER A 210 -14.00 18.75 -6.03
CA SER A 210 -14.37 18.61 -4.61
C SER A 210 -13.61 19.59 -3.73
N GLU A 211 -14.21 19.94 -2.59
CA GLU A 211 -13.62 20.92 -1.68
C GLU A 211 -12.32 20.42 -1.04
N LYS A 212 -12.23 19.11 -0.79
CA LYS A 212 -11.05 18.54 -0.14
C LYS A 212 -9.81 18.68 -1.02
N ILE A 213 -9.96 18.43 -2.31
CA ILE A 213 -8.85 18.56 -3.26
C ILE A 213 -8.50 20.04 -3.41
N LYS A 214 -9.54 20.86 -3.44
CA LYS A 214 -9.39 22.31 -3.50
C LYS A 214 -8.62 22.85 -2.30
N VAL A 215 -8.97 22.39 -1.10
CA VAL A 215 -8.27 22.79 0.12
C VAL A 215 -6.80 22.38 0.07
N LEU A 216 -6.54 21.15 -0.36
CA LEU A 216 -5.18 20.63 -0.42
C LEU A 216 -4.31 21.41 -1.40
N GLN A 217 -4.85 21.70 -2.58
CA GLN A 217 -4.08 22.41 -3.59
C GLN A 217 -3.91 23.90 -3.23
N ASP A 218 -4.83 24.44 -2.44
CA ASP A 218 -4.66 25.79 -1.90
C ASP A 218 -3.46 25.85 -0.96
N VAL A 219 -3.44 24.97 0.06
CA VAL A 219 -2.35 25.02 1.04
C VAL A 219 -1.02 24.60 0.42
N LEU A 220 -1.06 23.70 -0.56
CA LEU A 220 0.18 23.20 -1.18
C LEU A 220 0.85 24.20 -2.12
N THR A 221 0.10 25.22 -2.56
CA THR A 221 0.66 26.30 -3.36
C THR A 221 0.73 27.61 -2.55
N SER A 222 0.63 27.52 -1.24
CA SER A 222 0.67 28.70 -0.36
C SER A 222 2.09 29.21 -0.18
N ASP A 223 2.21 30.45 0.32
CA ASP A 223 3.52 31.00 0.68
C ASP A 223 4.20 30.14 1.75
N LYS A 224 3.41 29.59 2.67
CA LYS A 224 3.94 28.69 3.70
C LYS A 224 4.58 27.44 3.07
N ALA A 225 3.90 26.87 2.09
CA ALA A 225 4.40 25.69 1.38
C ALA A 225 5.71 25.99 0.66
N ARG A 226 5.80 27.16 0.04
CA ARG A 226 7.00 27.56 -0.70
C ARG A 226 8.19 27.71 0.25
N SER A 227 7.99 28.42 1.36
CA SER A 227 9.07 28.63 2.33
C SER A 227 9.50 27.33 3.01
N LEU A 228 8.54 26.43 3.28
CA LEU A 228 8.87 25.12 3.85
C LEU A 228 9.77 24.31 2.93
N ILE A 229 9.44 24.29 1.64
CA ILE A 229 10.26 23.57 0.65
C ILE A 229 11.66 24.15 0.60
N GLU A 230 11.74 25.48 0.49
CA GLU A 230 13.03 26.15 0.38
C GLU A 230 13.89 25.99 1.63
N GLU A 231 13.27 26.08 2.81
CA GLU A 231 14.03 25.97 4.06
C GLU A 231 14.53 24.54 4.31
N LYS A 232 13.74 23.53 3.97
CA LYS A 232 14.12 22.14 4.22
C LYS A 232 15.03 21.53 3.15
N TYR A 233 14.83 21.89 1.89
CA TYR A 233 15.53 21.22 0.80
C TYR A 233 16.56 22.08 0.07
N LYS A 234 16.50 23.39 0.26
CA LYS A 234 17.53 24.30 -0.23
C LYS A 234 18.19 23.80 -1.51
N GLY A 235 17.51 23.96 -2.63
CA GLY A 235 18.10 23.72 -3.94
C GLY A 235 17.79 22.40 -4.61
N ILE A 236 17.53 21.35 -3.84
CA ILE A 236 17.28 20.01 -4.41
C ILE A 236 15.80 19.74 -4.70
N VAL A 237 14.90 20.47 -4.06
CA VAL A 237 13.49 20.47 -4.41
C VAL A 237 13.11 21.92 -4.74
N ILE A 238 12.70 22.19 -5.97
CA ILE A 238 12.45 23.56 -6.43
C ILE A 238 10.98 23.78 -6.72
N PRO A 239 10.34 24.74 -6.02
CA PRO A 239 8.92 25.06 -6.26
C PRO A 239 8.66 25.53 -7.69
N THR A 240 7.51 25.17 -8.23
CA THR A 240 7.06 25.66 -9.54
C THR A 240 5.83 26.54 -9.37
N PHE A 241 5.81 27.32 -8.30
CA PHE A 241 4.71 28.25 -8.04
C PHE A 241 5.24 29.41 -7.19
N LYS B 2 13.18 -12.67 -0.47
CA LYS B 2 13.53 -11.24 -0.81
C LYS B 2 15.04 -10.94 -0.72
N ASP B 3 15.57 -10.74 0.48
CA ASP B 3 16.97 -10.29 0.64
C ASP B 3 17.96 -11.46 0.48
N ASP B 4 18.05 -12.32 1.50
CA ASP B 4 18.86 -13.55 1.42
C ASP B 4 18.48 -14.51 2.55
N LYS B 5 18.75 -14.09 3.80
CA LYS B 5 18.26 -14.79 4.99
C LYS B 5 17.24 -13.90 5.71
N LYS B 6 16.61 -13.00 4.94
CA LYS B 6 15.61 -12.09 5.47
C LYS B 6 14.27 -12.42 4.82
N ILE B 7 13.24 -12.63 5.64
CA ILE B 7 11.91 -12.95 5.15
C ILE B 7 10.98 -11.77 5.45
N VAL B 8 10.43 -11.19 4.39
CA VAL B 8 9.53 -10.05 4.52
C VAL B 8 8.09 -10.51 4.31
N VAL B 9 7.25 -10.39 5.34
CA VAL B 9 5.86 -10.83 5.26
C VAL B 9 4.91 -9.67 5.50
N GLY B 10 3.96 -9.48 4.57
CA GLY B 10 2.93 -8.47 4.71
C GLY B 10 1.76 -9.03 5.52
N ALA B 11 1.22 -8.25 6.43
CA ALA B 11 0.14 -8.74 7.28
C ALA B 11 -0.69 -7.63 7.89
N THR B 12 -1.98 -7.89 8.03
CA THR B 12 -2.82 -7.10 8.93
C THR B 12 -2.40 -7.45 10.36
N LEU B 13 -2.55 -6.51 11.28
CA LEU B 13 -2.04 -6.68 12.64
C LEU B 13 -2.65 -7.90 13.32
N VAL B 14 -3.98 -8.02 13.23
CA VAL B 14 -4.72 -9.11 13.88
C VAL B 14 -5.37 -9.99 12.82
N PRO B 15 -5.17 -11.33 12.92
CA PRO B 15 -4.29 -12.06 13.84
C PRO B 15 -2.84 -12.20 13.37
N GLY B 16 -2.61 -12.07 12.06
CA GLY B 16 -1.33 -12.43 11.46
C GLY B 16 -0.11 -11.67 11.95
N GLY B 17 -0.26 -10.36 12.13
CA GLY B 17 0.85 -9.50 12.52
C GLY B 17 1.42 -9.86 13.88
N GLU B 18 0.53 -9.93 14.87
CA GLU B 18 0.93 -10.27 16.23
C GLU B 18 1.46 -11.70 16.32
N LEU B 19 0.82 -12.62 15.60
CA LEU B 19 1.26 -14.01 15.58
C LEU B 19 2.69 -14.12 15.02
N LEU B 20 2.92 -13.50 13.88
CA LEU B 20 4.24 -13.48 13.24
C LEU B 20 5.30 -12.85 14.14
N GLU B 21 4.92 -11.79 14.84
CA GLU B 21 5.82 -11.11 15.77
C GLU B 21 6.27 -12.07 16.88
N GLU B 22 5.32 -12.82 17.42
CA GLU B 22 5.59 -13.81 18.47
C GLU B 22 6.37 -15.03 17.96
N LEU B 23 6.37 -15.27 16.64
CA LEU B 23 7.06 -16.41 16.05
C LEU B 23 8.47 -16.10 15.55
N LYS B 24 8.90 -14.84 15.70
CA LYS B 24 10.25 -14.43 15.28
C LYS B 24 11.37 -15.31 15.84
N PRO B 25 11.31 -15.64 17.15
CA PRO B 25 12.38 -16.47 17.72
C PRO B 25 12.50 -17.84 17.06
N LEU B 26 11.36 -18.45 16.73
CA LEU B 26 11.35 -19.72 15.99
C LEU B 26 11.94 -19.57 14.57
N ILE B 27 11.68 -18.41 13.94
CA ILE B 27 12.27 -18.10 12.64
C ILE B 27 13.79 -17.93 12.75
N LYS B 28 14.25 -17.28 13.82
CA LYS B 28 15.69 -17.10 14.05
C LYS B 28 16.38 -18.45 14.27
N GLU B 29 15.70 -19.33 15.01
CA GLU B 29 16.16 -20.71 15.24
C GLU B 29 16.56 -21.42 13.94
N LYS B 30 15.79 -21.18 12.88
CA LYS B 30 16.04 -21.82 11.58
C LYS B 30 16.99 -21.00 10.68
N GLY B 31 17.49 -19.88 11.20
CA GLY B 31 18.55 -19.12 10.52
C GLY B 31 18.09 -17.97 9.64
N TYR B 32 16.90 -17.44 9.92
CA TYR B 32 16.33 -16.35 9.11
C TYR B 32 15.91 -15.17 9.98
N THR B 33 15.78 -14.01 9.36
CA THR B 33 15.26 -12.82 10.03
C THR B 33 13.90 -12.48 9.41
N LEU B 34 12.90 -12.32 10.26
CA LEU B 34 11.56 -11.99 9.83
C LEU B 34 11.34 -10.48 9.99
N GLU B 35 10.88 -9.83 8.92
CA GLU B 35 10.40 -8.46 8.99
C GLU B 35 8.92 -8.48 8.65
N VAL B 36 8.09 -7.98 9.57
CA VAL B 36 6.65 -7.89 9.34
C VAL B 36 6.31 -6.51 8.80
N LYS B 37 5.71 -6.49 7.61
CA LYS B 37 5.28 -5.25 6.99
C LYS B 37 3.78 -5.09 7.25
N ASN B 38 3.42 -4.05 7.98
CA ASN B 38 2.03 -3.87 8.37
C ASN B 38 1.17 -3.29 7.23
N PHE B 39 -0.01 -3.87 7.05
CA PHE B 39 -1.02 -3.30 6.17
C PHE B 39 -2.34 -3.13 6.93
N ASP B 40 -3.14 -2.15 6.51
CA ASP B 40 -4.40 -1.84 7.19
C ASP B 40 -5.63 -2.14 6.33
N ASP B 41 -5.41 -2.76 5.16
CA ASP B 41 -6.47 -2.98 4.20
C ASP B 41 -6.27 -4.32 3.47
N TYR B 42 -7.31 -4.75 2.75
CA TYR B 42 -7.32 -6.07 2.12
C TYR B 42 -6.88 -6.08 0.66
N ILE B 43 -6.42 -4.96 0.14
CA ILE B 43 -6.09 -4.85 -1.28
C ILE B 43 -4.60 -4.72 -1.56
N LEU B 44 -3.91 -3.89 -0.79
CA LEU B 44 -2.49 -3.63 -1.02
C LEU B 44 -1.58 -4.84 -0.80
N PRO B 45 -1.87 -5.70 0.21
CA PRO B 45 -0.97 -6.82 0.48
C PRO B 45 -0.75 -7.78 -0.70
N ASN B 46 -1.79 -8.00 -1.49
CA ASN B 46 -1.67 -8.87 -2.68
C ASN B 46 -0.92 -8.21 -3.83
N GLU B 47 -1.06 -6.88 -3.93
CA GLU B 47 -0.31 -6.11 -4.92
C GLU B 47 1.19 -6.13 -4.58
N ALA B 48 1.51 -5.82 -3.33
CA ALA B 48 2.88 -5.86 -2.84
C ALA B 48 3.50 -7.25 -3.05
N LEU B 49 2.73 -8.30 -2.80
CA LEU B 49 3.21 -9.67 -3.00
C LEU B 49 3.46 -9.95 -4.48
N ASN B 50 2.49 -9.60 -5.34
CA ASN B 50 2.65 -9.79 -6.78
C ASN B 50 3.79 -8.95 -7.36
N ASN B 51 3.99 -7.74 -6.82
CA ASN B 51 5.09 -6.84 -7.21
C ASN B 51 6.48 -7.40 -6.92
N GLY B 52 6.59 -8.16 -5.84
CA GLY B 52 7.89 -8.62 -5.35
C GLY B 52 8.38 -7.87 -4.12
N GLU B 53 7.57 -6.95 -3.62
CA GLU B 53 7.96 -6.15 -2.46
C GLU B 53 8.01 -6.98 -1.17
N ILE B 54 7.20 -8.03 -1.09
CA ILE B 54 7.16 -8.91 0.06
C ILE B 54 7.22 -10.37 -0.40
N ASP B 55 7.69 -11.24 0.49
CA ASP B 55 7.85 -12.67 0.19
C ASP B 55 6.54 -13.43 0.33
N ALA B 56 5.67 -12.93 1.20
CA ALA B 56 4.39 -13.58 1.49
C ALA B 56 3.49 -12.61 2.20
N ASN B 57 2.21 -12.96 2.32
CA ASN B 57 1.29 -12.21 3.15
C ASN B 57 0.38 -13.12 3.95
N LEU B 58 -0.09 -12.60 5.07
CA LEU B 58 -0.94 -13.34 5.99
C LEU B 58 -2.10 -12.44 6.41
N PHE B 59 -3.21 -12.55 5.67
CA PHE B 59 -4.40 -11.75 5.96
C PHE B 59 -5.72 -12.30 5.41
N GLN B 60 -5.67 -13.24 4.46
CA GLN B 60 -6.84 -13.62 3.69
C GLN B 60 -7.13 -15.11 3.71
N HIS B 61 -8.33 -15.47 3.25
CA HIS B 61 -8.68 -16.86 2.98
C HIS B 61 -8.62 -17.13 1.47
N GLU B 62 -8.71 -18.39 1.08
CA GLU B 62 -8.50 -18.76 -0.32
C GLU B 62 -9.58 -18.24 -1.27
N PRO B 63 -10.85 -18.22 -0.83
CA PRO B 63 -11.88 -17.62 -1.68
C PRO B 63 -11.59 -16.16 -2.07
N TYR B 64 -11.12 -15.37 -1.11
CA TYR B 64 -10.77 -13.97 -1.38
C TYR B 64 -9.61 -13.92 -2.37
N LEU B 65 -8.61 -14.78 -2.16
CA LEU B 65 -7.46 -14.86 -3.04
C LEU B 65 -7.84 -15.22 -4.47
N LYS B 66 -8.74 -16.18 -4.62
CA LYS B 66 -9.21 -16.60 -5.95
C LYS B 66 -9.93 -15.48 -6.70
N GLU B 67 -10.76 -14.72 -5.99
CA GLU B 67 -11.43 -13.55 -6.57
C GLU B 67 -10.40 -12.51 -7.01
N ALA B 68 -9.38 -12.29 -6.18
CA ALA B 68 -8.32 -11.32 -6.48
C ALA B 68 -7.50 -11.77 -7.70
N VAL B 69 -7.17 -13.05 -7.77
CA VAL B 69 -6.49 -13.62 -8.93
C VAL B 69 -7.34 -13.47 -10.19
N LYS B 70 -8.65 -13.66 -10.06
CA LYS B 70 -9.56 -13.50 -11.18
C LYS B 70 -9.66 -12.06 -11.66
N ALA B 71 -9.73 -11.12 -10.72
CA ALA B 71 -9.87 -9.70 -11.04
C ALA B 71 -8.57 -9.10 -11.56
N LYS B 72 -7.47 -9.35 -10.85
CA LYS B 72 -6.21 -8.63 -11.08
C LYS B 72 -5.16 -9.43 -11.86
N GLY B 73 -5.32 -10.74 -11.96
CA GLY B 73 -4.34 -11.60 -12.63
C GLY B 73 -3.07 -11.82 -11.82
N TYR B 74 -3.16 -11.69 -10.50
CA TYR B 74 -2.02 -11.94 -9.63
C TYR B 74 -1.54 -13.38 -9.80
N LYS B 75 -0.22 -13.58 -9.80
CA LYS B 75 0.34 -14.93 -9.89
C LYS B 75 0.71 -15.41 -8.49
N ILE B 76 -0.32 -15.51 -7.66
CA ILE B 76 -0.17 -15.82 -6.25
C ILE B 76 -1.04 -17.03 -5.89
N MSE B 77 -0.78 -17.59 -4.72
CA MSE B 77 -1.24 -18.92 -4.37
C MSE B 77 -1.53 -19.00 -2.91
O MSE B 77 -0.84 -18.36 -2.11
CB MSE B 77 -0.02 -19.79 -4.68
CG MSE B 77 -0.41 -21.18 -5.14
SE MSE B 77 1.27 -22.22 -5.13
CE MSE B 77 0.56 -23.69 -4.04
N ALA B 78 -2.53 -19.79 -2.53
CA ALA B 78 -2.88 -19.99 -1.12
C ALA B 78 -2.04 -21.12 -0.51
N GLY B 79 -1.58 -20.91 0.71
CA GLY B 79 -0.86 -21.94 1.46
C GLY B 79 -1.80 -22.82 2.27
N LYS B 80 -1.28 -23.46 3.30
CA LYS B 80 -2.09 -24.33 4.17
C LYS B 80 -3.06 -23.51 5.02
N LYS B 81 -4.24 -24.06 5.28
CA LYS B 81 -5.22 -23.42 6.14
C LYS B 81 -4.65 -23.33 7.54
N LEU B 82 -4.74 -22.15 8.15
CA LEU B 82 -4.16 -21.92 9.48
C LEU B 82 -5.22 -21.71 10.57
N TYR B 83 -6.13 -20.77 10.35
CA TYR B 83 -7.15 -20.45 11.36
C TYR B 83 -8.39 -19.81 10.75
N VAL B 84 -9.54 -20.04 11.39
CA VAL B 84 -10.81 -19.49 10.94
C VAL B 84 -11.16 -18.29 11.82
N CYS B 85 -11.68 -17.24 11.18
CA CYS B 85 -12.08 -16.01 11.89
C CYS B 85 -13.54 -15.74 11.61
N PRO B 86 -14.45 -16.40 12.34
CA PRO B 86 -15.88 -16.21 12.12
C PRO B 86 -16.27 -14.75 12.30
N ALA B 87 -17.10 -14.24 11.40
CA ALA B 87 -17.62 -12.88 11.52
C ALA B 87 -18.47 -12.80 12.77
N ILE B 88 -18.40 -11.68 13.47
CA ILE B 88 -19.17 -11.46 14.67
C ILE B 88 -20.03 -10.20 14.52
N LEU B 89 -21.29 -10.32 14.92
CA LEU B 89 -22.23 -9.22 14.88
C LEU B 89 -22.11 -8.46 16.20
N TYR B 90 -21.67 -7.22 16.13
CA TYR B 90 -21.49 -6.37 17.32
C TYR B 90 -22.62 -5.36 17.44
N SER B 91 -22.85 -4.89 18.67
CA SER B 91 -23.87 -3.88 18.93
C SER B 91 -23.67 -3.19 20.27
N TYR B 92 -23.90 -1.88 20.30
CA TYR B 92 -23.90 -1.09 21.54
C TYR B 92 -25.32 -0.82 22.04
N LYS B 93 -26.33 -1.27 21.30
CA LYS B 93 -27.72 -0.90 21.59
C LYS B 93 -28.64 -2.07 21.93
N ILE B 94 -28.20 -3.30 21.66
CA ILE B 94 -28.94 -4.51 22.03
C ILE B 94 -27.98 -5.63 22.42
N LYS B 95 -28.44 -6.50 23.33
CA LYS B 95 -27.62 -7.62 23.82
C LYS B 95 -28.03 -8.96 23.23
N SER B 96 -29.12 -8.98 22.47
CA SER B 96 -29.58 -10.20 21.82
C SER B 96 -30.13 -9.88 20.43
N VAL B 97 -29.97 -10.82 19.51
CA VAL B 97 -30.47 -10.67 18.14
C VAL B 97 -32.01 -10.60 18.09
N ASP B 98 -32.68 -11.26 19.02
CA ASP B 98 -34.15 -11.17 19.10
C ASP B 98 -34.68 -9.76 19.48
N GLU B 99 -33.81 -8.90 20.01
CA GLU B 99 -34.20 -7.53 20.37
C GLU B 99 -34.21 -6.53 19.20
N PHE B 100 -34.12 -7.02 17.96
CA PHE B 100 -34.28 -6.15 16.78
C PHE B 100 -35.74 -5.74 16.64
N LYS B 101 -35.98 -4.59 16.00
CA LYS B 101 -37.33 -4.05 15.84
C LYS B 101 -37.44 -3.09 14.65
N LYS B 102 -38.67 -2.63 14.38
CA LYS B 102 -38.96 -1.77 13.24
C LYS B 102 -38.00 -0.57 13.12
N GLY B 103 -37.34 -0.47 11.98
CA GLY B 103 -36.48 0.68 11.67
C GLY B 103 -35.00 0.53 12.00
N ASP B 104 -34.63 -0.56 12.67
CA ASP B 104 -33.23 -0.80 13.06
C ASP B 104 -32.32 -0.94 11.84
N THR B 105 -31.06 -0.56 12.01
CA THR B 105 -30.09 -0.54 10.90
C THR B 105 -28.91 -1.47 11.18
N ILE B 106 -28.49 -2.21 10.15
CA ILE B 106 -27.32 -3.09 10.24
C ILE B 106 -26.27 -2.65 9.22
N ALA B 107 -25.07 -2.33 9.71
CA ALA B 107 -23.96 -1.95 8.85
C ALA B 107 -23.27 -3.21 8.30
N ILE B 108 -22.97 -3.18 7.01
CA ILE B 108 -22.38 -4.32 6.31
C ILE B 108 -21.24 -3.87 5.39
N SER B 109 -20.26 -4.74 5.20
CA SER B 109 -19.17 -4.49 4.27
C SER B 109 -19.68 -4.32 2.83
N ASN B 110 -19.15 -3.32 2.13
CA ASN B 110 -19.52 -3.11 0.72
C ASN B 110 -18.91 -4.12 -0.25
N ASN B 111 -18.01 -4.98 0.25
CA ASN B 111 -17.50 -6.13 -0.51
C ASN B 111 -18.66 -7.08 -0.86
N PRO B 112 -18.95 -7.26 -2.16
CA PRO B 112 -20.09 -8.10 -2.58
C PRO B 112 -20.14 -9.49 -1.95
N SER B 113 -18.99 -10.16 -1.86
CA SER B 113 -18.94 -11.51 -1.28
C SER B 113 -19.25 -11.49 0.21
N SER B 114 -18.77 -10.47 0.92
CA SER B 114 -19.08 -10.30 2.34
C SER B 114 -20.53 -9.86 2.53
N CYS B 115 -20.94 -8.87 1.73
CA CYS B 115 -22.31 -8.35 1.76
C CYS B 115 -23.32 -9.49 1.60
N SER B 116 -23.07 -10.36 0.62
CA SER B 116 -23.93 -11.51 0.36
C SER B 116 -23.92 -12.51 1.51
N LYS B 117 -22.74 -12.80 2.03
CA LYS B 117 -22.57 -13.81 3.08
C LYS B 117 -23.18 -13.37 4.41
N ASN B 118 -23.08 -12.08 4.71
CA ASN B 118 -23.69 -11.53 5.91
C ASN B 118 -25.22 -11.59 5.88
N LEU B 119 -25.79 -11.28 4.72
CA LEU B 119 -27.24 -11.40 4.53
C LEU B 119 -27.70 -12.84 4.72
N ARG B 120 -26.89 -13.80 4.26
CA ARG B 120 -27.20 -15.22 4.44
C ARG B 120 -27.12 -15.63 5.92
N TYR B 121 -26.19 -15.06 6.67
CA TYR B 121 -26.12 -15.30 8.11
C TYR B 121 -27.41 -14.85 8.80
N LEU B 122 -27.91 -13.69 8.40
CA LEU B 122 -29.16 -13.14 8.96
C LEU B 122 -30.38 -13.99 8.58
N GLU B 123 -30.31 -14.62 7.41
CA GLU B 123 -31.36 -15.55 6.97
C GLU B 123 -31.38 -16.81 7.84
N SER B 124 -30.19 -17.30 8.17
CA SER B 124 -30.05 -18.50 9.01
C SER B 124 -30.65 -18.33 10.42
N ILE B 125 -30.60 -17.10 10.94
CA ILE B 125 -31.13 -16.80 12.27
C ILE B 125 -32.56 -16.24 12.26
N GLY B 126 -33.24 -16.40 11.12
CA GLY B 126 -34.67 -16.07 11.02
C GLY B 126 -35.00 -14.59 11.11
N LEU B 127 -34.21 -13.75 10.45
CA LEU B 127 -34.49 -12.32 10.36
C LEU B 127 -34.98 -11.88 8.97
N LEU B 128 -34.69 -12.67 7.95
CA LEU B 128 -35.14 -12.38 6.59
C LEU B 128 -35.06 -13.62 5.71
N THR B 129 -35.55 -13.52 4.47
CA THR B 129 -35.48 -14.62 3.50
C THR B 129 -34.94 -14.12 2.18
N LEU B 130 -34.24 -15.01 1.47
CA LEU B 130 -33.58 -14.70 0.21
C LEU B 130 -33.93 -15.77 -0.82
N PRO B 131 -33.74 -15.47 -2.11
CA PRO B 131 -33.98 -16.47 -3.15
C PRO B 131 -32.99 -17.65 -3.08
N LYS B 132 -33.44 -18.83 -3.50
CA LYS B 132 -32.58 -20.01 -3.52
C LYS B 132 -31.49 -19.89 -4.58
N GLY B 133 -30.53 -20.82 -4.53
CA GLY B 133 -29.37 -20.79 -5.42
C GLY B 133 -28.16 -20.28 -4.66
N ASP B 134 -26.97 -20.51 -5.24
CA ASP B 134 -25.71 -20.13 -4.61
C ASP B 134 -25.13 -18.82 -5.16
N GLY B 135 -25.98 -17.99 -5.75
CA GLY B 135 -25.56 -16.70 -6.31
C GLY B 135 -25.40 -15.63 -5.25
N LEU B 136 -24.64 -14.58 -5.57
CA LEU B 136 -24.45 -13.46 -4.65
C LEU B 136 -25.75 -12.67 -4.50
N VAL B 137 -26.12 -12.36 -3.25
CA VAL B 137 -27.32 -11.59 -2.95
C VAL B 137 -26.96 -10.21 -2.41
N SER B 138 -27.91 -9.29 -2.52
CA SER B 138 -27.77 -7.93 -2.00
C SER B 138 -29.09 -7.52 -1.34
N PRO B 139 -29.12 -6.35 -0.68
CA PRO B 139 -30.38 -5.89 -0.09
C PRO B 139 -31.57 -5.86 -1.06
N LYS B 140 -31.29 -5.54 -2.32
CA LYS B 140 -32.32 -5.58 -3.38
C LYS B 140 -32.98 -6.94 -3.53
N ASP B 141 -32.24 -8.01 -3.27
CA ASP B 141 -32.72 -9.38 -3.47
C ASP B 141 -33.51 -9.94 -2.29
N ILE B 142 -33.71 -9.15 -1.23
CA ILE B 142 -34.42 -9.61 -0.03
C ILE B 142 -35.91 -9.81 -0.32
N ILE B 143 -36.42 -11.01 -0.05
CA ILE B 143 -37.83 -11.33 -0.27
C ILE B 143 -38.66 -10.78 0.89
N GLU B 144 -38.54 -11.40 2.08
CA GLU B 144 -39.28 -10.96 3.26
C GLU B 144 -38.36 -10.26 4.24
N ASN B 145 -38.94 -9.36 5.05
CA ASN B 145 -38.19 -8.58 6.03
C ASN B 145 -39.12 -8.16 7.18
N PRO B 146 -39.47 -9.12 8.06
CA PRO B 146 -40.49 -8.90 9.11
C PRO B 146 -40.28 -7.65 9.96
N LYS B 147 -39.07 -7.47 10.48
CA LYS B 147 -38.79 -6.35 11.39
C LYS B 147 -38.32 -5.08 10.68
N GLY B 148 -38.36 -5.07 9.35
CA GLY B 148 -38.06 -3.87 8.57
C GLY B 148 -36.65 -3.34 8.74
N ILE B 149 -35.67 -4.22 8.61
CA ILE B 149 -34.26 -3.84 8.78
C ILE B 149 -33.78 -3.13 7.51
N GLN B 150 -33.14 -1.98 7.68
CA GLN B 150 -32.53 -1.26 6.55
C GLN B 150 -31.00 -1.31 6.66
N PHE B 151 -30.33 -1.57 5.55
CA PHE B 151 -28.90 -1.87 5.55
C PHE B 151 -28.04 -0.70 5.08
N LYS B 152 -26.92 -0.50 5.78
CA LYS B 152 -25.98 0.56 5.46
C LYS B 152 -24.67 -0.05 4.96
N GLU B 153 -24.42 0.05 3.66
CA GLU B 153 -23.27 -0.60 3.03
C GLU B 153 -22.03 0.31 3.07
N LEU B 154 -21.13 0.05 4.02
CA LEU B 154 -19.94 0.88 4.25
C LEU B 154 -18.64 0.14 3.91
N ASP B 155 -17.56 0.90 3.88
CA ASP B 155 -16.21 0.34 3.76
C ASP B 155 -15.87 -0.34 5.09
N ILE B 156 -15.33 -1.56 5.01
CA ILE B 156 -15.04 -2.36 6.20
C ILE B 156 -14.26 -1.61 7.28
N ALA B 157 -13.31 -0.78 6.88
CA ALA B 157 -12.50 0.01 7.81
C ALA B 157 -13.34 0.99 8.63
N GLN B 158 -14.42 1.52 8.04
CA GLN B 158 -15.28 2.50 8.71
C GLN B 158 -16.29 1.91 9.69
N ILE B 159 -16.54 0.60 9.61
CA ILE B 159 -17.66 -0.01 10.34
C ILE B 159 -17.52 0.06 11.87
N PRO B 160 -16.33 -0.23 12.42
CA PRO B 160 -16.15 -0.13 13.87
C PRO B 160 -16.60 1.23 14.46
N SER B 161 -16.24 2.32 13.80
CA SER B 161 -16.62 3.66 14.27
C SER B 161 -18.10 4.00 14.01
N SER B 162 -18.82 3.15 13.29
CA SER B 162 -20.23 3.38 12.99
C SER B 162 -21.21 2.76 14.00
N LEU B 163 -20.69 2.01 14.97
CA LEU B 163 -21.54 1.29 15.94
C LEU B 163 -22.45 2.20 16.78
N PRO B 164 -21.98 3.39 17.17
CA PRO B 164 -22.85 4.33 17.89
C PRO B 164 -24.04 4.84 17.07
N ASP B 165 -23.92 4.83 15.74
CA ASP B 165 -24.95 5.35 14.85
C ASP B 165 -25.88 4.28 14.28
N VAL B 166 -25.58 3.00 14.56
CA VAL B 166 -26.38 1.88 14.04
C VAL B 166 -26.73 0.87 15.12
N THR B 167 -27.77 0.08 14.87
CA THR B 167 -28.24 -0.93 15.82
C THR B 167 -27.22 -2.05 15.99
N ALA B 168 -26.67 -2.53 14.88
CA ALA B 168 -25.66 -3.58 14.90
C ALA B 168 -24.76 -3.54 13.67
N ALA B 169 -23.70 -4.35 13.67
CA ALA B 169 -22.76 -4.38 12.55
C ALA B 169 -21.92 -5.65 12.53
N PHE B 170 -21.76 -6.23 11.35
CA PHE B 170 -20.82 -7.33 11.14
C PHE B 170 -19.43 -6.75 10.99
N ILE B 171 -18.49 -7.25 11.80
CA ILE B 171 -17.12 -6.74 11.79
C ILE B 171 -16.12 -7.90 11.86
N ASP B 172 -15.19 -7.92 10.90
CA ASP B 172 -14.10 -8.89 10.87
C ASP B 172 -13.21 -8.71 12.11
N THR B 173 -12.73 -9.82 12.65
CA THR B 173 -11.86 -9.81 13.83
C THR B 173 -10.61 -8.97 13.58
N THR B 174 -10.08 -9.02 12.36
CA THR B 174 -8.97 -8.17 11.94
C THR B 174 -9.19 -6.69 12.28
N TYR B 175 -10.42 -6.20 12.16
CA TYR B 175 -10.74 -4.80 12.49
C TYR B 175 -11.39 -4.62 13.87
N ALA B 176 -12.03 -5.66 14.38
CA ALA B 176 -12.74 -5.59 15.65
C ALA B 176 -11.79 -5.49 16.85
N VAL B 177 -10.73 -6.29 16.84
CA VAL B 177 -9.80 -6.36 17.96
C VAL B 177 -9.01 -5.06 18.14
N PRO B 178 -8.35 -4.55 17.08
CA PRO B 178 -7.62 -3.28 17.25
C PRO B 178 -8.52 -2.10 17.61
N ALA B 179 -9.78 -2.11 17.15
CA ALA B 179 -10.74 -1.05 17.51
C ALA B 179 -11.17 -1.12 18.98
N GLY B 180 -10.83 -2.22 19.66
CA GLY B 180 -11.09 -2.36 21.08
C GLY B 180 -12.43 -3.00 21.40
N LEU B 181 -13.03 -3.66 20.41
CA LEU B 181 -14.33 -4.30 20.60
C LEU B 181 -14.15 -5.66 21.28
N ASP B 182 -14.97 -5.93 22.29
CA ASP B 182 -14.92 -7.16 23.05
C ASP B 182 -16.10 -8.04 22.61
N ALA B 183 -15.80 -9.23 22.10
CA ALA B 183 -16.82 -10.15 21.63
C ALA B 183 -17.75 -10.63 22.75
N LYS B 184 -17.19 -10.88 23.92
CA LYS B 184 -17.98 -11.32 25.08
C LYS B 184 -18.97 -10.25 25.52
N LYS B 185 -18.51 -9.01 25.56
CA LYS B 185 -19.33 -7.87 26.03
C LYS B 185 -20.38 -7.45 24.99
N ASN B 186 -19.95 -7.26 23.74
CA ASN B 186 -20.80 -6.65 22.71
C ASN B 186 -21.16 -7.55 21.53
N GLY B 187 -20.68 -8.78 21.52
CA GLY B 187 -21.00 -9.73 20.46
C GLY B 187 -22.35 -10.37 20.69
N ILE B 188 -23.27 -10.20 19.73
CA ILE B 188 -24.61 -10.77 19.85
C ILE B 188 -24.83 -11.99 18.94
N TYR B 189 -23.87 -12.30 18.09
CA TYR B 189 -23.96 -13.44 17.18
C TYR B 189 -22.61 -13.71 16.52
N THR B 190 -22.18 -14.98 16.54
CA THR B 190 -20.97 -15.42 15.86
C THR B 190 -21.36 -16.35 14.72
N ALA B 191 -20.82 -16.10 13.53
CA ALA B 191 -21.08 -16.95 12.37
C ALA B 191 -20.55 -18.36 12.63
N PRO B 192 -21.12 -19.37 11.94
CA PRO B 192 -20.61 -20.74 12.09
C PRO B 192 -19.17 -20.89 11.62
N ILE B 193 -18.44 -21.81 12.20
CA ILE B 193 -17.07 -22.11 11.78
C ILE B 193 -17.11 -22.82 10.44
N ASN B 194 -16.49 -22.22 9.43
CA ASN B 194 -16.37 -22.83 8.10
C ASN B 194 -14.93 -22.71 7.63
N ASP B 195 -14.20 -23.83 7.62
CA ASP B 195 -12.77 -23.80 7.30
C ASP B 195 -12.50 -23.51 5.82
N GLU B 196 -13.54 -23.50 4.98
CA GLU B 196 -13.47 -22.92 3.65
C GLU B 196 -12.86 -21.52 3.70
N TYR B 197 -13.22 -20.76 4.74
CA TYR B 197 -12.74 -19.40 4.90
C TYR B 197 -11.59 -19.27 5.91
N ALA B 198 -10.83 -20.35 6.08
CA ALA B 198 -9.65 -20.32 6.92
C ALA B 198 -8.62 -19.35 6.34
N ASN B 199 -8.10 -18.45 7.18
CA ASN B 199 -7.03 -17.57 6.76
C ASN B 199 -5.75 -18.38 6.58
N LEU B 200 -4.83 -17.85 5.78
CA LEU B 200 -3.66 -18.60 5.39
C LEU B 200 -2.56 -17.72 4.82
N LEU B 201 -1.35 -18.28 4.74
CA LEU B 201 -0.25 -17.61 4.07
C LEU B 201 -0.52 -17.63 2.57
N ALA B 202 -0.23 -16.54 1.89
CA ALA B 202 -0.23 -16.51 0.43
C ALA B 202 1.15 -16.12 -0.06
N PHE B 203 1.51 -16.59 -1.24
CA PHE B 203 2.82 -16.31 -1.81
C PHE B 203 2.74 -16.45 -3.31
N ARG B 204 3.78 -15.97 -4.01
CA ARG B 204 3.83 -16.10 -5.46
C ARG B 204 3.99 -17.58 -5.85
N THR B 205 3.24 -18.00 -6.87
CA THR B 205 3.30 -19.38 -7.36
C THR B 205 4.73 -19.84 -7.66
N GLU B 206 5.55 -18.92 -8.15
CA GLU B 206 6.96 -19.18 -8.42
C GLU B 206 7.78 -19.59 -7.19
N ASP B 207 7.32 -19.20 -6.00
CA ASP B 207 8.06 -19.44 -4.76
C ASP B 207 7.48 -20.57 -3.92
N LYS B 208 6.62 -21.40 -4.50
CA LYS B 208 5.88 -22.37 -3.69
C LYS B 208 6.78 -23.43 -3.03
N ASP B 209 7.95 -23.69 -3.62
CA ASP B 209 8.89 -24.66 -3.04
C ASP B 209 10.15 -24.03 -2.45
N SER B 210 10.14 -22.70 -2.28
CA SER B 210 11.31 -22.01 -1.70
C SER B 210 11.45 -22.27 -0.20
N GLU B 211 12.69 -22.24 0.28
CA GLU B 211 13.00 -22.48 1.69
C GLU B 211 12.28 -21.48 2.61
N LYS B 212 12.19 -20.23 2.16
CA LYS B 212 11.55 -19.18 2.94
C LYS B 212 10.07 -19.41 3.21
N ILE B 213 9.33 -19.86 2.19
CA ILE B 213 7.91 -20.17 2.35
C ILE B 213 7.74 -21.40 3.24
N LYS B 214 8.58 -22.41 3.02
CA LYS B 214 8.56 -23.63 3.85
C LYS B 214 8.86 -23.35 5.33
N VAL B 215 9.82 -22.47 5.60
CA VAL B 215 10.13 -22.08 6.98
C VAL B 215 8.93 -21.37 7.64
N LEU B 216 8.28 -20.48 6.89
CA LEU B 216 7.12 -19.74 7.40
C LEU B 216 5.95 -20.66 7.73
N GLN B 217 5.63 -21.56 6.82
CA GLN B 217 4.50 -22.47 7.02
C GLN B 217 4.77 -23.50 8.12
N ASP B 218 6.05 -23.85 8.30
CA ASP B 218 6.46 -24.72 9.41
C ASP B 218 6.15 -24.06 10.76
N VAL B 219 6.63 -22.84 10.95
CA VAL B 219 6.42 -22.13 12.23
C VAL B 219 4.96 -21.71 12.45
N LEU B 220 4.24 -21.46 11.36
CA LEU B 220 2.84 -21.06 11.45
C LEU B 220 1.90 -22.23 11.74
N THR B 221 2.36 -23.46 11.55
CA THR B 221 1.58 -24.66 11.91
C THR B 221 2.19 -25.42 13.10
N SER B 222 3.05 -24.75 13.84
CA SER B 222 3.72 -25.35 15.00
C SER B 222 2.79 -25.36 16.22
N ASP B 223 3.17 -26.13 17.24
CA ASP B 223 2.46 -26.12 18.53
C ASP B 223 2.49 -24.73 19.17
N LYS B 224 3.63 -24.04 19.01
CA LYS B 224 3.79 -22.67 19.49
C LYS B 224 2.78 -21.72 18.85
N ALA B 225 2.55 -21.87 17.55
CA ALA B 225 1.58 -21.05 16.83
C ALA B 225 0.15 -21.31 17.32
N ARG B 226 -0.23 -22.58 17.39
CA ARG B 226 -1.57 -22.97 17.84
C ARG B 226 -1.86 -22.40 19.22
N SER B 227 -0.89 -22.50 20.12
CA SER B 227 -1.05 -22.02 21.49
C SER B 227 -1.19 -20.50 21.54
N LEU B 228 -0.41 -19.78 20.75
CA LEU B 228 -0.48 -18.32 20.67
C LEU B 228 -1.88 -17.87 20.23
N ILE B 229 -2.47 -18.60 19.28
CA ILE B 229 -3.82 -18.31 18.79
C ILE B 229 -4.86 -18.56 19.86
N GLU B 230 -4.74 -19.69 20.56
CA GLU B 230 -5.69 -20.06 21.61
CA GLU B 230 -5.68 -20.07 21.61
C GLU B 230 -5.58 -19.14 22.82
N GLU B 231 -4.35 -18.78 23.20
CA GLU B 231 -4.12 -17.89 24.34
C GLU B 231 -4.62 -16.46 24.11
N LYS B 232 -4.25 -15.87 22.99
CA LYS B 232 -4.54 -14.46 22.72
C LYS B 232 -6.00 -14.20 22.36
N TYR B 233 -6.60 -15.10 21.60
CA TYR B 233 -7.96 -14.88 21.09
C TYR B 233 -9.03 -15.77 21.73
N LYS B 234 -8.62 -16.80 22.45
CA LYS B 234 -9.51 -17.57 23.32
C LYS B 234 -10.89 -17.87 22.74
N GLY B 235 -10.93 -18.35 21.49
CA GLY B 235 -12.17 -18.84 20.90
C GLY B 235 -12.69 -18.12 19.68
N ILE B 236 -12.34 -16.84 19.51
CA ILE B 236 -12.82 -16.09 18.34
C ILE B 236 -11.94 -16.29 17.10
N VAL B 237 -10.77 -16.90 17.29
CA VAL B 237 -9.93 -17.34 16.17
C VAL B 237 -9.57 -18.80 16.38
N ILE B 238 -10.03 -19.67 15.47
CA ILE B 238 -9.94 -21.11 15.64
C ILE B 238 -8.88 -21.72 14.72
N PRO B 239 -7.82 -22.33 15.31
CA PRO B 239 -6.80 -23.00 14.48
C PRO B 239 -7.36 -24.18 13.67
N THR B 240 -6.86 -24.38 12.46
CA THR B 240 -7.25 -25.50 11.61
C THR B 240 -6.06 -26.44 11.38
N PHE B 241 -5.28 -26.66 12.43
CA PHE B 241 -4.14 -27.56 12.37
C PHE B 241 -3.76 -28.01 13.78
N MSE C . 10.33 12.55 -6.67
CA MSE C . 10.47 11.72 -7.91
C MSE C . 11.10 12.54 -8.98
O MSE C . 10.60 13.62 -9.32
OXT MSE C . 12.13 12.12 -9.52
CB MSE C . 9.13 11.19 -8.42
CG MSE C . 9.31 10.21 -9.58
SE MSE C . 7.57 9.69 -10.35
CE MSE C . 6.98 8.56 -8.86
ZN ZN D . 2.76 35.94 -0.91
ZN ZN E . 38.91 14.19 -7.84
ZN ZN E . 38.69 13.79 -6.94
ZN ZN F . 5.93 -0.29 -0.19
ZN ZN G . 8.00 18.24 10.47
ZN ZN H . 1.26 12.32 10.64
ZN ZN H . 1.15 9.04 11.01
ZN ZN H . 2.63 7.46 9.17
ZN ZN I . -2.63 30.81 9.56
ZN ZN J . -15.47 7.88 -4.12
ZN ZN J . -15.54 6.31 -6.69
ZN ZN K . 33.39 19.35 -17.05
ZN ZN L . -14.00 12.61 -1.51
ZN ZN L . -15.08 10.83 -4.26
CL CL M . 1.50 35.72 -2.36
CL CL N . -17.16 5.30 -8.77
CL CL O . -0.63 12.72 10.14
CL CL P . -17.70 11.41 -4.91
C ACT Q . 5.55 16.83 11.75
O ACT Q . 5.77 18.06 11.58
OXT ACT Q . 6.37 15.97 11.37
CH3 ACT Q . 4.29 16.42 12.43
C ACT R . 4.15 0.64 1.76
O ACT R . 4.60 -0.44 1.35
OXT ACT R . 4.34 1.69 1.11
CH3 ACT R . 3.37 0.68 3.04
C ACT S . 12.46 12.18 -12.20
O ACT S . 13.43 12.08 -11.41
OXT ACT S . 11.54 11.34 -12.26
CH3 ACT S . 12.40 13.38 -13.09
C ACT T . 41.73 13.38 -7.12
O ACT T . 40.91 14.22 -7.54
OXT ACT T . 41.46 12.63 -6.15
CH3 ACT T . 43.06 13.24 -7.79
N MSE U . -9.80 -12.17 8.67
CA MSE U . -10.83 -11.97 7.62
C MSE U . -11.89 -13.02 7.77
O MSE U . -11.59 -14.22 7.78
OXT MSE U . -13.07 -12.70 7.87
CB MSE U . -10.21 -12.06 6.23
CG MSE U . -11.19 -11.67 5.13
SE MSE U . -10.45 -12.17 3.39
CE MSE U . -9.02 -10.81 3.30
ZN ZN V . -4.23 0.56 3.49
ZN ZN W . 2.98 -31.44 19.14
ZN ZN W . 4.74 -30.61 20.23
ZN ZN X . 10.98 -15.74 -5.79
ZN ZN Y . -3.52 -6.37 19.74
ZN ZN Y . -1.25 -4.90 20.51
ZN ZN Z . 10.75 -13.24 -7.74
ZN ZN AA . 11.81 -15.48 -2.73
CL CL BA . 0.75 -31.66 18.42
CL CL CA . 13.00 -17.40 -7.25
C ACT DA . -14.91 -13.96 6.26
O ACT DA . -15.16 -13.44 7.37
OXT ACT DA . -14.58 -13.31 5.25
CH3 ACT DA . -14.99 -15.45 6.15
C ACT EA . -1.53 0.49 4.12
O ACT EA . -2.35 1.19 3.49
OXT ACT EA . -1.87 -0.58 4.64
CH3 ACT EA . -0.11 0.94 4.25
C1 GOL FA . -5.71 -2.33 10.35
O1 GOL FA . -6.52 -1.82 11.42
C2 GOL FA . -5.31 -3.79 10.57
O2 GOL FA . -3.89 -3.96 10.37
C3 GOL FA . -5.72 -4.24 11.98
O3 GOL FA . -5.55 -5.64 12.20
#